data_8HIA
#
_entry.id   8HIA
#
_entity_poly.entity_id   1
_entity_poly.type   'polypeptide(L)'
_entity_poly.pdbx_seq_one_letter_code
;EPVAEPDIMATNRVVHVITNVLQ
;
_entity_poly.pdbx_strand_id   A,B,C,D,E,F,G,H,I,J,K,L,M,N,O,P,Q,R,S,T
#
# COMPACT_ATOMS: atom_id res chain seq x y z
N GLU A 1 -2.38 -6.89 -43.54
CA GLU A 1 -1.23 -6.38 -42.74
C GLU A 1 -1.65 -6.16 -41.29
N PRO A 2 -1.95 -7.25 -40.58
CA PRO A 2 -2.35 -7.12 -39.16
C PRO A 2 -1.17 -6.72 -38.29
N VAL A 3 -1.41 -5.75 -37.41
CA VAL A 3 -0.39 -5.26 -36.50
C VAL A 3 -1.03 -5.07 -35.13
N ALA A 4 -0.33 -5.51 -34.08
CA ALA A 4 -0.81 -5.40 -32.71
C ALA A 4 0.31 -5.66 -31.72
N GLU A 5 0.72 -4.63 -31.00
CA GLU A 5 1.80 -4.78 -30.04
C GLU A 5 1.30 -5.49 -28.79
N PRO A 6 2.20 -6.13 -28.05
CA PRO A 6 1.81 -6.83 -26.82
C PRO A 6 1.71 -5.87 -25.64
N ASP A 7 1.38 -6.44 -24.48
CA ASP A 7 1.26 -5.67 -23.24
C ASP A 7 1.77 -6.50 -22.08
N ILE A 8 2.41 -5.84 -21.12
CA ILE A 8 2.94 -6.53 -19.96
C ILE A 8 1.80 -7.01 -19.08
N MET A 9 1.96 -8.20 -18.50
CA MET A 9 0.95 -8.79 -17.62
C MET A 9 1.64 -9.44 -16.44
N ALA A 10 1.03 -9.31 -15.26
CA ALA A 10 1.59 -9.89 -14.04
C ALA A 10 0.45 -10.09 -13.05
N THR A 11 0.11 -11.34 -12.76
CA THR A 11 -0.95 -11.68 -11.82
C THR A 11 -0.36 -11.85 -10.43
N ASN A 12 -0.79 -11.02 -9.49
CA ASN A 12 -0.32 -11.05 -8.11
C ASN A 12 -1.38 -11.66 -7.22
N ARG A 13 -0.93 -12.47 -6.26
CA ARG A 13 -1.84 -13.12 -5.32
C ARG A 13 -1.05 -13.49 -4.07
N VAL A 14 -1.48 -12.97 -2.92
CA VAL A 14 -0.83 -13.23 -1.64
C VAL A 14 -1.88 -13.77 -0.67
N VAL A 15 -1.47 -14.72 0.15
CA VAL A 15 -2.36 -15.33 1.14
C VAL A 15 -1.51 -16.08 2.16
N HIS A 16 -1.88 -15.97 3.42
CA HIS A 16 -1.16 -16.62 4.49
C HIS A 16 -2.06 -16.70 5.72
N VAL A 17 -1.76 -17.67 6.59
CA VAL A 17 -2.51 -17.90 7.81
C VAL A 17 -1.52 -18.14 8.94
N ILE A 18 -1.73 -17.46 10.07
CA ILE A 18 -0.88 -17.58 11.23
C ILE A 18 -1.76 -17.81 12.46
N THR A 19 -1.36 -18.76 13.30
CA THR A 19 -2.10 -19.11 14.51
C THR A 19 -1.11 -19.38 15.63
N ASN A 20 -1.25 -18.65 16.72
CA ASN A 20 -0.40 -18.81 17.89
C ASN A 20 -1.02 -19.77 18.89
N VAL A 21 -0.23 -20.17 19.88
CA VAL A 21 -0.68 -21.08 20.92
C VAL A 21 0.23 -20.93 22.12
N LEU A 22 -0.36 -20.87 23.31
CA LEU A 22 0.39 -20.73 24.55
C LEU A 22 0.64 -22.05 25.25
N GLN A 23 -0.22 -23.05 25.05
CA GLN A 23 -0.06 -24.35 25.68
C GLN A 23 -0.06 -24.22 27.20
N GLU B 1 12.42 2.97 42.21
CA GLU B 1 12.46 1.76 41.34
C GLU B 1 12.42 2.15 39.86
N PRO B 2 13.48 2.80 39.38
CA PRO B 2 13.52 3.21 37.97
C PRO B 2 13.74 2.04 37.03
N VAL B 3 12.67 1.48 36.50
CA VAL B 3 12.73 0.34 35.59
C VAL B 3 11.74 0.59 34.45
N ALA B 4 12.18 0.34 33.22
CA ALA B 4 11.35 0.53 32.05
C ALA B 4 11.78 -0.42 30.96
N GLU B 5 10.86 -1.23 30.47
CA GLU B 5 11.16 -2.21 29.44
C GLU B 5 11.34 -1.50 28.09
N PRO B 6 12.09 -2.12 27.17
CA PRO B 6 12.31 -1.51 25.86
C PRO B 6 11.10 -1.70 24.96
N ASP B 7 11.22 -1.19 23.74
CA ASP B 7 10.14 -1.29 22.76
C ASP B 7 10.74 -1.17 21.36
N ILE B 8 10.11 -1.86 20.41
CA ILE B 8 10.58 -1.83 19.03
C ILE B 8 10.20 -0.50 18.40
N MET B 9 11.10 0.05 17.59
CA MET B 9 10.89 1.32 16.91
C MET B 9 11.30 1.17 15.45
N ALA B 10 10.44 1.63 14.55
CA ALA B 10 10.68 1.55 13.11
C ALA B 10 10.65 2.97 12.55
N THR B 11 11.82 3.47 12.14
CA THR B 11 11.96 4.80 11.57
C THR B 11 12.62 4.68 10.21
N ASN B 12 11.97 5.23 9.18
CA ASN B 12 12.50 5.18 7.82
C ASN B 12 12.10 6.45 7.09
N ARG B 13 12.80 6.70 5.97
CA ARG B 13 12.52 7.88 5.16
C ARG B 13 13.02 7.58 3.74
N VAL B 14 12.09 7.25 2.85
CA VAL B 14 12.40 6.93 1.47
C VAL B 14 12.00 8.10 0.59
N VAL B 15 12.79 8.35 -0.45
CA VAL B 15 12.52 9.44 -1.39
C VAL B 15 13.16 9.09 -2.72
N HIS B 16 12.44 9.39 -3.80
CA HIS B 16 12.92 9.10 -5.15
C HIS B 16 12.28 10.08 -6.12
N VAL B 17 13.05 10.48 -7.14
CA VAL B 17 12.59 11.40 -8.17
C VAL B 17 13.05 10.88 -9.52
N ILE B 18 12.15 10.89 -10.50
CA ILE B 18 12.44 10.42 -11.84
C ILE B 18 12.07 11.52 -12.83
N THR B 19 12.92 11.71 -13.84
CA THR B 19 12.70 12.73 -14.86
C THR B 19 13.08 12.15 -16.21
N ASN B 20 12.57 12.79 -17.26
CA ASN B 20 12.83 12.37 -18.63
C ASN B 20 13.06 13.60 -19.50
N VAL B 21 13.90 13.43 -20.53
CA VAL B 21 14.23 14.51 -21.44
C VAL B 21 14.51 13.91 -22.81
N LEU B 22 13.96 14.54 -23.85
CA LEU B 22 14.14 14.07 -25.22
C LEU B 22 15.26 14.79 -25.95
N GLN B 23 15.57 16.03 -25.57
CA GLN B 23 16.63 16.79 -26.22
C GLN B 23 16.33 16.98 -27.70
N GLU C 1 5.51 -2.32 41.46
CA GLU C 1 6.38 -3.20 42.30
C GLU C 1 5.55 -4.26 43.01
N PRO C 2 4.99 -5.19 42.25
CA PRO C 2 4.16 -6.25 42.86
C PRO C 2 5.04 -7.23 43.62
N VAL C 3 4.73 -7.40 44.91
CA VAL C 3 5.46 -8.32 45.78
C VAL C 3 4.45 -9.22 46.47
N ALA C 4 4.64 -10.54 46.36
CA ALA C 4 3.74 -11.51 46.96
C ALA C 4 4.32 -12.91 46.87
N GLU C 5 3.49 -13.92 47.11
CA GLU C 5 3.94 -15.30 47.01
C GLU C 5 4.43 -15.60 45.59
N PRO C 6 5.27 -16.61 45.42
CA PRO C 6 5.78 -16.94 44.09
C PRO C 6 4.64 -17.35 43.15
N ASP C 7 4.67 -16.79 41.95
CA ASP C 7 3.67 -17.07 40.93
C ASP C 7 4.36 -17.54 39.65
N ILE C 8 3.56 -18.09 38.74
CA ILE C 8 4.06 -18.60 37.48
C ILE C 8 3.84 -17.60 36.33
N MET C 9 3.55 -16.34 36.66
CA MET C 9 3.32 -15.35 35.62
C MET C 9 4.58 -15.14 34.79
N ALA C 10 4.37 -14.65 33.56
CA ALA C 10 5.47 -14.40 32.65
C ALA C 10 4.97 -13.56 31.49
N THR C 11 5.83 -12.71 30.96
CA THR C 11 5.47 -11.85 29.84
C THR C 11 5.52 -12.63 28.53
N ASN C 12 4.62 -12.28 27.62
CA ASN C 12 4.51 -12.92 26.32
C ASN C 12 4.36 -11.86 25.23
N ARG C 13 5.28 -10.90 25.21
CA ARG C 13 5.23 -9.84 24.22
C ARG C 13 5.58 -10.39 22.84
N VAL C 14 4.74 -10.08 21.86
CA VAL C 14 4.95 -10.53 20.47
C VAL C 14 4.64 -9.36 19.55
N VAL C 15 5.39 -9.27 18.46
CA VAL C 15 5.23 -8.21 17.47
C VAL C 15 4.93 -8.86 16.12
N HIS C 16 4.05 -8.23 15.34
CA HIS C 16 3.67 -8.73 14.03
C HIS C 16 3.40 -7.55 13.12
N VAL C 17 4.17 -7.45 12.04
CA VAL C 17 4.04 -6.36 11.07
C VAL C 17 4.12 -7.00 9.68
N ILE C 18 2.99 -7.05 8.98
CA ILE C 18 2.90 -7.62 7.64
C ILE C 18 2.61 -6.50 6.66
N THR C 19 3.25 -6.58 5.49
CA THR C 19 3.06 -5.59 4.44
C THR C 19 3.15 -6.28 3.09
N ASN C 20 2.24 -5.91 2.18
CA ASN C 20 2.19 -6.48 0.84
C ASN C 20 2.91 -5.58 -0.14
N VAL C 21 3.36 -6.18 -1.25
CA VAL C 21 4.06 -5.46 -2.30
C VAL C 21 3.73 -6.11 -3.63
N LEU C 22 3.35 -5.30 -4.61
CA LEU C 22 3.00 -5.79 -5.95
C LEU C 22 4.02 -5.41 -7.02
N GLN C 23 5.02 -4.60 -6.69
CA GLN C 23 6.03 -4.18 -7.65
C GLN C 23 5.39 -3.48 -8.84
N GLU D 1 -6.35 3.41 -41.43
CA GLU D 1 -5.42 3.14 -42.58
C GLU D 1 -5.12 4.42 -43.34
N PRO D 2 -4.41 5.35 -42.69
CA PRO D 2 -4.09 6.61 -43.37
C PRO D 2 -3.02 6.42 -44.43
N VAL D 3 -3.08 7.27 -45.45
CA VAL D 3 -2.12 7.26 -46.56
C VAL D 3 -1.72 8.70 -46.86
N ALA D 4 -0.43 8.89 -47.15
CA ALA D 4 0.10 10.22 -47.44
C ALA D 4 1.42 10.05 -48.18
N GLU D 5 2.12 11.17 -48.39
CA GLU D 5 3.40 11.13 -49.06
C GLU D 5 4.39 10.28 -48.25
N PRO D 6 5.28 9.52 -48.92
CA PRO D 6 6.30 8.75 -48.18
C PRO D 6 6.98 9.57 -47.09
N ASP D 7 6.63 9.29 -45.84
CA ASP D 7 7.15 9.99 -44.68
C ASP D 7 7.73 8.98 -43.68
N ILE D 8 8.24 9.50 -42.57
CA ILE D 8 8.86 8.69 -41.52
C ILE D 8 7.94 8.71 -40.31
N MET D 9 7.81 7.54 -39.66
CA MET D 9 6.98 7.42 -38.47
C MET D 9 7.58 6.34 -37.57
N ALA D 10 7.05 6.26 -36.35
CA ALA D 10 7.52 5.28 -35.38
C ALA D 10 6.55 5.18 -34.21
N THR D 11 6.25 3.96 -33.78
CA THR D 11 5.35 3.73 -32.66
C THR D 11 6.12 3.97 -31.36
N ASN D 12 5.88 5.13 -30.74
CA ASN D 12 6.56 5.51 -29.50
C ASN D 12 5.77 5.04 -28.29
N ARG D 13 5.44 3.75 -28.26
CA ARG D 13 4.70 3.18 -27.14
C ARG D 13 5.64 3.00 -25.95
N VAL D 14 5.41 3.76 -24.89
CA VAL D 14 6.22 3.72 -23.68
C VAL D 14 5.38 3.19 -22.54
N VAL D 15 6.00 2.38 -21.68
CA VAL D 15 5.33 1.80 -20.52
C VAL D 15 6.29 1.86 -19.33
N HIS D 16 5.75 2.19 -18.16
CA HIS D 16 6.55 2.32 -16.95
C HIS D 16 5.74 1.83 -15.76
N VAL D 17 6.39 1.12 -14.85
CA VAL D 17 5.76 0.60 -13.65
C VAL D 17 6.70 0.85 -12.48
N ILE D 18 6.25 1.61 -11.49
CA ILE D 18 7.06 1.94 -10.32
C ILE D 18 6.14 2.06 -9.12
N THR D 19 6.62 1.58 -7.97
CA THR D 19 5.85 1.64 -6.73
C THR D 19 6.84 1.87 -5.59
N ASN D 20 6.42 1.56 -4.36
CA ASN D 20 7.27 1.73 -3.20
C ASN D 20 6.90 0.67 -2.16
N VAL D 21 7.89 0.29 -1.36
CA VAL D 21 7.70 -0.71 -0.32
C VAL D 21 8.64 -0.38 0.83
N LEU D 22 8.15 -0.57 2.05
CA LEU D 22 8.93 -0.29 3.26
C LEU D 22 9.51 -1.55 3.90
N GLN D 23 8.81 -2.67 3.82
CA GLN D 23 9.28 -3.93 4.41
C GLN D 23 9.55 -3.74 5.90
N GLU E 1 -6.85 -6.05 -42.62
CA GLU E 1 -5.92 -5.16 -41.84
C GLU E 1 -6.56 -4.72 -40.54
N PRO E 2 -6.79 -5.67 -39.63
CA PRO E 2 -7.40 -5.32 -38.35
C PRO E 2 -6.44 -4.56 -37.45
N VAL E 3 -7.00 -3.64 -36.65
CA VAL E 3 -6.23 -2.82 -35.73
C VAL E 3 -6.97 -2.78 -34.41
N ALA E 4 -6.22 -2.89 -33.31
CA ALA E 4 -6.80 -2.86 -31.98
C ALA E 4 -5.71 -2.73 -30.92
N GLU E 5 -5.62 -1.57 -30.28
CA GLU E 5 -4.60 -1.35 -29.28
C GLU E 5 -4.94 -2.14 -28.00
N PRO E 6 -3.94 -2.63 -27.28
CA PRO E 6 -4.21 -3.38 -26.06
C PRO E 6 -4.45 -2.45 -24.88
N ASP E 7 -4.73 -3.06 -23.72
CA ASP E 7 -4.99 -2.32 -22.50
C ASP E 7 -4.36 -3.08 -21.33
N ILE E 8 -3.67 -2.34 -20.46
CA ILE E 8 -3.04 -2.95 -19.30
C ILE E 8 -4.11 -3.49 -18.37
N MET E 9 -3.86 -4.68 -17.81
CA MET E 9 -4.79 -5.33 -16.90
C MET E 9 -4.01 -6.03 -15.80
N ALA E 10 -4.66 -6.18 -14.64
CA ALA E 10 -4.03 -6.83 -13.49
C ALA E 10 -5.08 -7.19 -12.45
N THR E 11 -5.21 -8.49 -12.16
CA THR E 11 -6.17 -8.97 -11.18
C THR E 11 -5.57 -8.89 -9.78
N ASN E 12 -6.30 -8.27 -8.87
CA ASN E 12 -5.86 -8.11 -7.49
C ASN E 12 -6.80 -8.87 -6.57
N ARG E 13 -6.23 -9.72 -5.72
CA ARG E 13 -7.03 -10.51 -4.79
C ARG E 13 -6.13 -10.91 -3.63
N VAL E 14 -6.40 -10.37 -2.45
CA VAL E 14 -5.63 -10.66 -1.24
C VAL E 14 -6.59 -10.92 -0.10
N VAL E 15 -6.27 -11.92 0.72
CA VAL E 15 -7.12 -12.29 1.85
C VAL E 15 -6.24 -13.04 2.86
N HIS E 16 -6.54 -12.86 4.14
CA HIS E 16 -5.80 -13.51 5.20
C HIS E 16 -6.72 -13.73 6.39
N VAL E 17 -6.35 -14.71 7.23
CA VAL E 17 -7.12 -15.05 8.41
C VAL E 17 -6.15 -15.25 9.57
N ILE E 18 -6.57 -14.83 10.77
CA ILE E 18 -5.75 -14.95 11.97
C ILE E 18 -6.68 -15.26 13.15
N THR E 19 -6.25 -16.19 14.00
CA THR E 19 -7.04 -16.59 15.16
C THR E 19 -6.08 -16.74 16.34
N ASN E 20 -5.97 -15.69 17.14
CA ASN E 20 -5.10 -15.69 18.31
C ASN E 20 -5.83 -16.29 19.51
N VAL E 21 -5.06 -16.99 20.35
CA VAL E 21 -5.59 -17.64 21.54
C VAL E 21 -4.56 -17.52 22.66
N LEU E 22 -5.04 -17.21 23.87
CA LEU E 22 -4.16 -17.07 25.02
C LEU E 22 -4.01 -18.35 25.80
N GLN E 23 -5.01 -19.23 25.77
CA GLN E 23 -4.95 -20.50 26.49
C GLN E 23 -4.78 -20.26 27.98
N GLU F 1 7.57 5.08 43.30
CA GLU F 1 7.47 3.97 42.30
C GLU F 1 7.39 4.51 40.89
N PRO F 2 8.47 5.15 40.42
CA PRO F 2 8.45 5.70 39.05
C PRO F 2 8.52 4.62 37.99
N VAL F 3 7.38 4.27 37.42
CA VAL F 3 7.30 3.25 36.37
C VAL F 3 6.37 3.75 35.27
N ALA F 4 6.78 3.55 34.02
CA ALA F 4 5.98 3.97 32.88
C ALA F 4 6.32 3.06 31.70
N GLU F 5 5.32 2.32 31.23
CA GLU F 5 5.54 1.41 30.13
C GLU F 5 5.72 2.19 28.82
N PRO F 6 6.42 1.60 27.84
CA PRO F 6 6.62 2.31 26.57
C PRO F 6 5.40 2.25 25.67
N ASP F 7 5.52 2.77 24.45
CA ASP F 7 4.44 2.76 23.49
C ASP F 7 5.01 2.57 22.09
N ILE F 8 4.27 1.85 21.24
CA ILE F 8 4.72 1.59 19.89
C ILE F 8 4.60 2.88 19.07
N MET F 9 5.61 3.14 18.24
CA MET F 9 5.62 4.33 17.40
C MET F 9 6.45 4.04 16.16
N ALA F 10 6.01 4.60 15.02
CA ALA F 10 6.71 4.39 13.76
C ALA F 10 6.48 5.63 12.89
N THR F 11 7.46 6.52 12.84
CA THR F 11 7.37 7.73 12.04
C THR F 11 7.81 7.45 10.61
N ASN F 12 7.09 8.01 9.65
CA ASN F 12 7.38 7.82 8.24
C ASN F 12 7.09 9.11 7.48
N ARG F 13 7.77 9.29 6.36
CA ARG F 13 7.58 10.48 5.54
C ARG F 13 8.08 10.16 4.13
N VAL F 14 7.16 9.93 3.21
CA VAL F 14 7.48 9.59 1.83
C VAL F 14 7.06 10.75 0.94
N VAL F 15 7.85 11.00 -0.10
CA VAL F 15 7.58 12.08 -1.06
C VAL F 15 8.18 11.70 -2.39
N HIS F 16 7.46 12.00 -3.47
CA HIS F 16 7.92 11.69 -4.81
C HIS F 16 7.37 12.73 -5.78
N VAL F 17 8.16 13.00 -6.82
CA VAL F 17 7.78 13.97 -7.85
C VAL F 17 8.16 13.38 -9.21
N ILE F 18 7.28 13.58 -10.19
CA ILE F 18 7.48 13.08 -11.55
C ILE F 18 7.17 14.20 -12.53
N THR F 19 8.00 14.33 -13.57
CA THR F 19 7.82 15.34 -14.59
C THR F 19 8.16 14.74 -15.94
N ASN F 20 7.50 15.27 -16.98
CA ASN F 20 7.72 14.81 -18.35
C ASN F 20 7.77 16.02 -19.28
N VAL F 21 8.58 15.90 -20.33
CA VAL F 21 8.74 16.97 -21.30
C VAL F 21 9.17 16.34 -22.62
N LEU F 22 8.55 16.80 -23.71
CA LEU F 22 8.87 16.29 -25.04
C LEU F 22 9.95 17.09 -25.75
N GLN F 23 10.12 18.36 -25.39
CA GLN F 23 11.12 19.22 -26.02
C GLN F 23 10.89 19.30 -27.52
N GLU G 1 1.93 1.19 42.97
CA GLU G 1 2.40 0.39 44.13
C GLU G 1 1.40 -0.72 44.46
N PRO G 2 1.29 -1.71 43.57
CA PRO G 2 0.35 -2.82 43.82
C PRO G 2 0.85 -3.76 44.90
N VAL G 3 0.24 -3.67 46.09
CA VAL G 3 0.60 -4.52 47.23
C VAL G 3 -0.70 -5.06 47.82
N ALA G 4 -0.79 -6.38 47.90
CA ALA G 4 -1.97 -7.06 48.45
C ALA G 4 -1.67 -8.56 48.48
N GLU G 5 -2.71 -9.37 48.70
CA GLU G 5 -2.53 -10.80 48.72
C GLU G 5 -2.07 -11.31 47.35
N PRO G 6 -1.51 -12.51 47.30
CA PRO G 6 -1.05 -13.03 46.01
C PRO G 6 -2.20 -13.35 45.08
N ASP G 7 -1.92 -13.30 43.78
CA ASP G 7 -2.92 -13.57 42.76
C ASP G 7 -2.19 -13.87 41.45
N ILE G 8 -2.95 -14.30 40.45
CA ILE G 8 -2.42 -14.63 39.13
C ILE G 8 -2.68 -13.45 38.20
N MET G 9 -1.67 -13.07 37.43
CA MET G 9 -1.79 -11.96 36.50
C MET G 9 -0.53 -11.89 35.65
N ALA G 10 -0.70 -11.71 34.35
CA ALA G 10 0.43 -11.64 33.42
C ALA G 10 0.04 -10.76 32.25
N THR G 11 0.90 -9.80 31.93
CA THR G 11 0.64 -8.90 30.81
C THR G 11 0.90 -9.61 29.50
N ASN G 12 -0.02 -9.46 28.54
CA ASN G 12 0.09 -10.08 27.23
C ASN G 12 -0.15 -9.03 26.15
N ARG G 13 0.69 -8.00 26.15
CA ARG G 13 0.58 -6.94 25.17
C ARG G 13 0.96 -7.46 23.79
N VAL G 14 0.10 -7.22 22.80
CA VAL G 14 0.33 -7.65 21.43
C VAL G 14 0.02 -6.49 20.50
N VAL G 15 0.78 -6.39 19.42
CA VAL G 15 0.61 -5.34 18.42
C VAL G 15 0.51 -5.99 17.05
N HIS G 16 -0.37 -5.45 16.20
CA HIS G 16 -0.58 -5.97 14.86
C HIS G 16 -0.81 -4.81 13.90
N VAL G 17 -0.07 -4.80 12.80
CA VAL G 17 -0.17 -3.76 11.78
C VAL G 17 -0.48 -4.46 10.46
N ILE G 18 -1.71 -4.29 9.98
CA ILE G 18 -2.17 -4.90 8.74
C ILE G 18 -2.42 -3.80 7.72
N THR G 19 -2.04 -4.07 6.46
CA THR G 19 -2.23 -3.09 5.40
C THR G 19 -2.20 -3.83 4.07
N ASN G 20 -2.91 -3.27 3.08
CA ASN G 20 -3.00 -3.85 1.75
C ASN G 20 -2.93 -2.73 0.72
N VAL G 21 -2.21 -2.99 -0.38
CA VAL G 21 -2.04 -2.03 -1.45
C VAL G 21 -2.26 -2.74 -2.78
N LEU G 22 -2.92 -2.06 -3.72
CA LEU G 22 -3.19 -2.60 -5.05
C LEU G 22 -2.26 -2.01 -6.10
N GLN G 23 -0.97 -1.93 -5.78
CA GLN G 23 0.02 -1.38 -6.71
C GLN G 23 -0.34 0.05 -7.09
N GLU H 1 -11.68 5.50 -41.50
CA GLU H 1 -11.23 5.90 -42.87
C GLU H 1 -10.54 7.26 -42.82
N PRO H 2 -9.36 7.32 -42.20
CA PRO H 2 -8.63 8.60 -42.11
C PRO H 2 -8.08 9.04 -43.46
N VAL H 3 -8.84 9.86 -44.18
CA VAL H 3 -8.44 10.37 -45.49
C VAL H 3 -8.53 11.89 -45.41
N ALA H 4 -7.38 12.55 -45.50
CA ALA H 4 -7.32 14.01 -45.43
C ALA H 4 -6.04 14.48 -46.10
N GLU H 5 -5.60 15.68 -45.77
CA GLU H 5 -4.36 16.19 -46.35
C GLU H 5 -3.20 15.29 -45.98
N PRO H 6 -2.30 14.98 -46.92
CA PRO H 6 -1.16 14.11 -46.59
C PRO H 6 -0.28 14.71 -45.49
N ASP H 7 -0.41 14.18 -44.28
CA ASP H 7 0.33 14.66 -43.13
C ASP H 7 0.93 13.47 -42.39
N ILE H 8 1.67 13.75 -41.31
CA ILE H 8 2.32 12.74 -40.50
C ILE H 8 1.66 12.72 -39.13
N MET H 9 1.49 11.52 -38.58
CA MET H 9 0.89 11.36 -37.26
C MET H 9 1.40 10.07 -36.65
N ALA H 10 1.50 10.07 -35.31
CA ALA H 10 1.99 8.91 -34.58
C ALA H 10 1.26 8.84 -33.23
N THR H 11 0.90 7.62 -32.83
CA THR H 11 0.21 7.42 -31.56
C THR H 11 1.19 7.63 -30.41
N ASN H 12 0.75 8.39 -29.40
CA ASN H 12 1.58 8.67 -28.23
C ASN H 12 0.95 8.05 -26.99
N ARG H 13 0.55 6.78 -27.08
CA ARG H 13 -0.04 6.11 -25.93
C ARG H 13 1.00 5.89 -24.84
N VAL H 14 0.70 6.37 -23.64
CA VAL H 14 1.60 6.24 -22.49
C VAL H 14 0.78 5.82 -21.28
N VAL H 15 1.37 4.99 -20.43
CA VAL H 15 0.71 4.51 -19.22
C VAL H 15 1.72 4.57 -18.08
N HIS H 16 1.24 4.96 -16.90
CA HIS H 16 2.10 5.07 -15.73
C HIS H 16 1.26 4.83 -14.48
N VAL H 17 1.86 4.13 -13.50
CA VAL H 17 1.20 3.83 -12.24
C VAL H 17 2.16 4.17 -11.11
N ILE H 18 1.61 4.76 -10.04
CA ILE H 18 2.40 5.16 -8.88
C ILE H 18 1.50 5.14 -7.66
N THR H 19 2.06 4.70 -6.53
CA THR H 19 1.33 4.63 -5.28
C THR H 19 2.27 5.04 -4.15
N ASN H 20 1.85 4.81 -2.92
CA ASN H 20 2.64 5.15 -1.74
C ASN H 20 2.51 4.02 -0.72
N VAL H 21 3.39 4.06 0.29
CA VAL H 21 3.41 3.06 1.34
C VAL H 21 3.84 3.75 2.64
N LEU H 22 3.31 3.25 3.76
CA LEU H 22 3.63 3.81 5.07
C LEU H 22 3.74 2.77 6.18
N GLN H 23 3.09 1.62 6.06
CA GLN H 23 3.18 0.58 7.09
C GLN H 23 2.55 1.04 8.40
N GLU I 1 -12.71 -0.95 -42.33
CA GLU I 1 -11.67 -0.58 -41.31
C GLU I 1 -12.16 -0.92 -39.91
N PRO I 2 -12.25 -2.21 -39.60
CA PRO I 2 -12.70 -2.62 -38.26
C PRO I 2 -11.63 -2.32 -37.21
N VAL I 3 -12.00 -1.48 -36.24
CA VAL I 3 -11.09 -1.08 -35.17
C VAL I 3 -11.84 -1.16 -33.85
N ALA I 4 -11.15 -1.59 -32.80
CA ALA I 4 -11.71 -1.70 -31.47
C ALA I 4 -11.01 -0.71 -30.53
N GLU I 5 -11.80 -0.11 -29.63
CA GLU I 5 -11.30 0.87 -28.67
C GLU I 5 -11.70 0.42 -27.27
N PRO I 6 -11.06 -0.62 -26.74
CA PRO I 6 -11.39 -1.09 -25.39
C PRO I 6 -10.98 -0.08 -24.33
N ASP I 7 -11.67 -0.14 -23.19
CA ASP I 7 -11.43 0.75 -22.07
C ASP I 7 -10.62 0.03 -20.99
N ILE I 8 -10.05 0.81 -20.09
CA ILE I 8 -9.26 0.26 -19.00
C ILE I 8 -10.18 -0.44 -18.01
N MET I 9 -9.73 -1.57 -17.49
CA MET I 9 -10.50 -2.34 -16.52
C MET I 9 -9.55 -3.12 -15.62
N ALA I 10 -9.93 -3.25 -14.36
CA ALA I 10 -9.13 -3.97 -13.38
C ALA I 10 -10.02 -4.42 -12.23
N THR I 11 -9.84 -5.67 -11.81
CA THR I 11 -10.63 -6.22 -10.72
C THR I 11 -10.01 -5.85 -9.38
N ASN I 12 -10.88 -5.59 -8.39
CA ASN I 12 -10.44 -5.22 -7.05
C ASN I 12 -11.27 -5.99 -6.04
N ARG I 13 -10.60 -6.62 -5.08
CA ARG I 13 -11.29 -7.40 -4.05
C ARG I 13 -10.36 -7.52 -2.85
N VAL I 14 -10.77 -6.96 -1.72
CA VAL I 14 -10.00 -7.01 -0.49
C VAL I 14 -10.95 -7.29 0.67
N VAL I 15 -10.62 -8.27 1.49
CA VAL I 15 -11.45 -8.65 2.63
C VAL I 15 -10.58 -9.39 3.62
N HIS I 16 -10.90 -9.24 4.91
CA HIS I 16 -10.17 -9.89 5.98
C HIS I 16 -11.13 -10.29 7.09
N VAL I 17 -10.78 -11.35 7.80
CA VAL I 17 -11.60 -11.88 8.89
C VAL I 17 -10.70 -12.12 10.10
N ILE I 18 -11.24 -11.89 11.29
CA ILE I 18 -10.51 -12.10 12.53
C ILE I 18 -11.49 -12.52 13.61
N THR I 19 -11.11 -13.55 14.38
CA THR I 19 -11.94 -14.07 15.46
C THR I 19 -11.03 -14.35 16.65
N ASN I 20 -10.92 -13.38 17.54
CA ASN I 20 -10.09 -13.52 18.72
C ASN I 20 -10.82 -14.31 19.81
N VAL I 21 -10.08 -14.75 20.81
CA VAL I 21 -10.63 -15.51 21.92
C VAL I 21 -9.60 -15.53 23.04
N LEU I 22 -10.09 -15.38 24.28
CA LEU I 22 -9.22 -15.38 25.45
C LEU I 22 -8.98 -16.78 25.99
N GLN I 23 -9.94 -17.68 25.85
CA GLN I 23 -9.80 -19.05 26.34
C GLN I 23 -9.50 -19.05 27.84
N GLU J 1 3.49 7.94 43.40
CA GLU J 1 3.30 6.91 42.36
C GLU J 1 3.02 7.56 41.00
N PRO J 2 4.02 8.24 40.44
CA PRO J 2 3.83 8.90 39.14
C PRO J 2 3.73 7.89 38.00
N VAL J 3 2.51 7.57 37.59
CA VAL J 3 2.26 6.62 36.51
C VAL J 3 1.19 7.20 35.59
N ALA J 4 1.37 7.00 34.29
CA ALA J 4 0.41 7.50 33.31
C ALA J 4 0.61 6.70 32.02
N GLU J 5 -0.38 5.89 31.66
CA GLU J 5 -0.26 5.07 30.47
C GLU J 5 -0.29 5.96 29.23
N PRO J 6 0.48 5.63 28.19
CA PRO J 6 0.49 6.44 26.97
C PRO J 6 -0.64 6.03 26.04
N ASP J 7 -0.66 6.64 24.86
CA ASP J 7 -1.65 6.35 23.83
C ASP J 7 -0.96 6.20 22.48
N ILE J 8 -1.63 5.52 21.56
CA ILE J 8 -1.08 5.30 20.23
C ILE J 8 -1.00 6.64 19.50
N MET J 9 0.10 6.83 18.77
CA MET J 9 0.30 8.06 18.01
C MET J 9 1.29 7.78 16.89
N ALA J 10 1.01 8.35 15.72
CA ALA J 10 1.87 8.18 14.55
C ALA J 10 1.69 9.37 13.63
N THR J 11 2.77 10.11 13.40
CA THR J 11 2.72 11.28 12.54
C THR J 11 2.72 10.84 11.08
N ASN J 12 1.67 11.20 10.35
CA ASN J 12 1.52 10.86 8.94
C ASN J 12 1.62 12.12 8.09
N ARG J 13 2.36 12.02 6.98
CA ARG J 13 2.53 13.16 6.08
C ARG J 13 2.88 12.61 4.71
N VAL J 14 1.99 12.82 3.74
CA VAL J 14 2.18 12.36 2.37
C VAL J 14 1.78 13.48 1.43
N VAL J 15 2.62 13.76 0.43
CA VAL J 15 2.36 14.81 -0.53
C VAL J 15 3.13 14.50 -1.80
N HIS J 16 2.56 14.88 -2.95
CA HIS J 16 3.20 14.64 -4.23
C HIS J 16 2.81 15.76 -5.18
N VAL J 17 3.66 15.97 -6.19
CA VAL J 17 3.46 17.01 -7.19
C VAL J 17 3.74 16.42 -8.57
N ILE J 18 2.98 16.89 -9.55
CA ILE J 18 3.12 16.42 -10.93
C ILE J 18 2.84 17.60 -11.86
N THR J 19 3.68 17.75 -12.89
CA THR J 19 3.54 18.83 -13.86
C THR J 19 3.79 18.23 -15.25
N ASN J 20 2.70 17.86 -15.92
CA ASN J 20 2.79 17.29 -17.26
C ASN J 20 2.68 18.38 -18.31
N VAL J 21 3.51 18.28 -19.35
CA VAL J 21 3.52 19.26 -20.43
C VAL J 21 3.94 18.54 -21.71
N LEU J 22 3.24 18.86 -22.81
CA LEU J 22 3.53 18.25 -24.10
C LEU J 22 4.55 19.03 -24.91
N GLN J 23 4.67 20.33 -24.67
CA GLN J 23 5.62 21.16 -25.41
C GLN J 23 5.35 21.10 -26.92
N GLU K 1 -5.21 3.64 43.44
CA GLU K 1 -4.20 2.58 43.20
C GLU K 1 -4.72 1.23 43.72
N PRO K 2 -4.19 0.12 43.18
CA PRO K 2 -4.64 -1.19 43.64
C PRO K 2 -4.09 -1.55 45.01
N VAL K 3 -4.85 -1.23 46.06
CA VAL K 3 -4.43 -1.52 47.43
C VAL K 3 -5.65 -1.93 48.24
N ALA K 4 -6.30 -3.02 47.83
CA ALA K 4 -7.48 -3.52 48.51
C ALA K 4 -7.41 -5.04 48.55
N GLU K 5 -8.55 -5.68 48.75
CA GLU K 5 -8.61 -7.14 48.79
C GLU K 5 -8.16 -7.71 47.45
N PRO K 6 -7.66 -8.95 47.45
CA PRO K 6 -7.19 -9.56 46.20
C PRO K 6 -8.34 -9.76 45.22
N ASP K 7 -8.10 -9.42 43.96
CA ASP K 7 -9.11 -9.56 42.91
C ASP K 7 -8.40 -9.77 41.59
N ILE K 8 -8.87 -10.75 40.82
CA ILE K 8 -8.26 -11.05 39.53
C ILE K 8 -8.40 -9.83 38.62
N MET K 9 -7.29 -9.47 37.96
CA MET K 9 -7.28 -8.33 37.06
C MET K 9 -5.99 -8.34 36.27
N ALA K 10 -6.06 -7.98 34.99
CA ALA K 10 -4.90 -7.95 34.14
C ALA K 10 -5.18 -7.06 32.93
N THR K 11 -4.16 -6.33 32.50
CA THR K 11 -4.29 -5.45 31.35
C THR K 11 -4.26 -6.24 30.06
N ASN K 12 -5.03 -5.78 29.07
CA ASN K 12 -5.12 -6.43 27.77
C ASN K 12 -5.16 -5.37 26.68
N ARG K 13 -4.24 -4.41 26.75
CA ARG K 13 -4.18 -3.35 25.76
C ARG K 13 -3.72 -3.92 24.41
N VAL K 14 -4.56 -3.77 23.39
CA VAL K 14 -4.26 -4.25 22.05
C VAL K 14 -4.67 -3.18 21.05
N VAL K 15 -3.89 -3.05 19.98
CA VAL K 15 -4.15 -2.08 18.92
C VAL K 15 -4.29 -2.82 17.60
N HIS K 16 -5.20 -2.36 16.76
CA HIS K 16 -5.44 -2.98 15.46
C HIS K 16 -5.90 -1.89 14.49
N VAL K 17 -5.05 -1.56 13.53
CA VAL K 17 -5.34 -0.55 12.52
C VAL K 17 -5.54 -1.25 11.19
N ILE K 18 -6.72 -1.09 10.60
CA ILE K 18 -7.06 -1.71 9.33
C ILE K 18 -7.30 -0.60 8.30
N THR K 19 -6.81 -0.82 7.08
CA THR K 19 -6.96 0.14 6.01
C THR K 19 -6.93 -0.59 4.68
N ASN K 20 -7.69 -0.08 3.71
CA ASN K 20 -7.78 -0.67 2.39
C ASN K 20 -7.73 0.43 1.34
N VAL K 21 -7.44 0.04 0.11
CA VAL K 21 -7.37 0.97 -1.02
C VAL K 21 -7.87 0.26 -2.26
N LEU K 22 -8.70 0.95 -3.05
CA LEU K 22 -9.26 0.38 -4.28
C LEU K 22 -8.55 0.84 -5.53
N GLN K 23 -7.76 1.91 -5.46
CA GLN K 23 -7.04 2.42 -6.62
C GLN K 23 -8.00 2.79 -7.74
N GLU L 1 -17.64 7.34 -39.53
CA GLU L 1 -17.34 7.97 -40.85
C GLU L 1 -16.61 9.29 -40.66
N PRO L 2 -15.38 9.24 -40.17
CA PRO L 2 -14.61 10.48 -39.95
C PRO L 2 -14.15 11.10 -41.25
N VAL L 3 -14.94 12.04 -41.78
CA VAL L 3 -14.63 12.75 -43.01
C VAL L 3 -14.98 14.21 -42.83
N ALA L 4 -14.07 15.10 -43.25
CA ALA L 4 -14.28 16.53 -43.12
C ALA L 4 -13.23 17.30 -43.91
N GLU L 5 -13.10 18.60 -43.64
CA GLU L 5 -12.10 19.40 -44.33
C GLU L 5 -10.71 18.83 -44.07
N PRO L 6 -9.83 18.81 -45.07
CA PRO L 6 -8.46 18.30 -44.84
C PRO L 6 -7.78 19.06 -43.70
N ASP L 7 -7.42 18.32 -42.67
CA ASP L 7 -6.76 18.90 -41.50
C ASP L 7 -5.90 17.83 -40.85
N ILE L 8 -5.41 18.11 -39.64
CA ILE L 8 -4.58 17.19 -38.88
C ILE L 8 -5.40 16.61 -37.74
N MET L 9 -5.20 15.33 -37.46
CA MET L 9 -5.92 14.65 -36.39
C MET L 9 -5.06 13.51 -35.88
N ALA L 10 -5.13 13.28 -34.57
CA ALA L 10 -4.36 12.21 -33.92
C ALA L 10 -5.17 11.64 -32.77
N THR L 11 -5.33 10.32 -32.75
CA THR L 11 -6.08 9.65 -31.70
C THR L 11 -5.14 9.35 -30.51
N ASN L 12 -4.77 10.42 -29.82
CA ASN L 12 -3.89 10.33 -28.67
C ASN L 12 -4.73 10.04 -27.42
N ARG L 13 -4.64 8.81 -26.94
CA ARG L 13 -5.38 8.37 -25.75
C ARG L 13 -4.45 8.46 -24.54
N VAL L 14 -4.70 9.43 -23.67
CA VAL L 14 -3.91 9.65 -22.46
C VAL L 14 -4.61 8.96 -21.31
N VAL L 15 -3.84 8.22 -20.51
CA VAL L 15 -4.36 7.49 -19.36
C VAL L 15 -3.35 7.58 -18.24
N HIS L 16 -3.84 7.74 -17.01
CA HIS L 16 -2.97 7.84 -15.84
C HIS L 16 -3.77 7.48 -14.60
N VAL L 17 -3.14 6.73 -13.69
CA VAL L 17 -3.75 6.30 -12.45
C VAL L 17 -2.91 6.85 -11.31
N ILE L 18 -3.49 7.75 -10.52
CA ILE L 18 -2.81 8.38 -9.40
C ILE L 18 -3.72 8.31 -8.19
N THR L 19 -3.13 8.00 -7.03
CA THR L 19 -3.89 7.89 -5.79
C THR L 19 -2.95 8.14 -4.62
N ASN L 20 -3.42 8.91 -3.63
CA ASN L 20 -2.63 9.25 -2.46
C ASN L 20 -3.09 8.35 -1.31
N VAL L 21 -2.56 7.14 -1.28
CA VAL L 21 -2.88 6.17 -0.24
C VAL L 21 -2.06 6.48 1.00
N LEU L 22 -2.69 6.35 2.18
CA LEU L 22 -2.03 6.62 3.45
C LEU L 22 -1.47 5.36 4.10
N GLN L 23 -2.16 4.23 3.97
CA GLN L 23 -1.72 2.97 4.56
C GLN L 23 -1.53 3.12 6.07
N GLU M 1 -19.66 3.56 -39.07
CA GLU M 1 -18.42 2.77 -39.34
C GLU M 1 -18.32 1.58 -38.38
N PRO M 2 -17.58 0.54 -38.77
CA PRO M 2 -17.43 -0.64 -37.90
C PRO M 2 -16.41 -0.39 -36.79
N VAL M 3 -16.76 0.49 -35.87
CA VAL M 3 -15.91 0.85 -34.73
C VAL M 3 -16.77 0.90 -33.48
N ALA M 4 -16.28 0.28 -32.42
CA ALA M 4 -17.00 0.25 -31.15
C ALA M 4 -16.58 1.43 -30.27
N GLU M 5 -17.44 1.75 -29.31
CA GLU M 5 -17.19 2.86 -28.38
C GLU M 5 -17.77 2.48 -27.01
N PRO M 6 -17.16 1.53 -26.33
CA PRO M 6 -17.68 1.12 -25.02
C PRO M 6 -17.48 2.22 -23.97
N ASP M 7 -18.28 2.12 -22.92
CA ASP M 7 -18.23 3.09 -21.82
C ASP M 7 -17.32 2.57 -20.71
N ILE M 8 -16.73 3.52 -19.97
CA ILE M 8 -15.85 3.15 -18.87
C ILE M 8 -16.64 2.40 -17.80
N MET M 9 -16.04 1.35 -17.26
CA MET M 9 -16.68 0.55 -16.23
C MET M 9 -15.61 -0.26 -15.50
N ALA M 10 -15.84 -0.48 -14.21
CA ALA M 10 -14.91 -1.24 -13.39
C ALA M 10 -15.66 -1.80 -12.20
N THR M 11 -15.32 -3.03 -11.81
CA THR M 11 -15.95 -3.68 -10.67
C THR M 11 -15.34 -3.18 -9.37
N ASN M 12 -16.20 -2.85 -8.40
CA ASN M 12 -15.77 -2.36 -7.10
C ASN M 12 -16.49 -3.14 -6.02
N ARG M 13 -15.75 -3.58 -5.00
CA ARG M 13 -16.33 -4.33 -3.91
C ARG M 13 -15.41 -4.23 -2.71
N VAL M 14 -15.90 -3.65 -1.61
CA VAL M 14 -15.13 -3.48 -0.38
C VAL M 14 -16.03 -3.84 0.79
N VAL M 15 -15.64 -4.86 1.56
CA VAL M 15 -16.41 -5.30 2.71
C VAL M 15 -15.47 -6.02 3.66
N HIS M 16 -15.75 -5.91 4.96
CA HIS M 16 -14.93 -6.55 5.98
C HIS M 16 -15.80 -6.85 7.19
N VAL M 17 -15.32 -7.78 8.02
CA VAL M 17 -16.02 -8.19 9.24
C VAL M 17 -15.00 -8.28 10.36
N ILE M 18 -15.43 -7.92 11.57
CA ILE M 18 -14.58 -7.94 12.75
C ILE M 18 -15.41 -8.43 13.93
N THR M 19 -14.81 -9.28 14.76
CA THR M 19 -15.48 -9.82 15.93
C THR M 19 -14.49 -9.89 17.08
N ASN M 20 -15.03 -9.86 18.30
CA ASN M 20 -14.20 -9.92 19.50
C ASN M 20 -15.04 -10.46 20.66
N VAL M 21 -14.41 -11.26 21.51
CA VAL M 21 -15.08 -11.86 22.66
C VAL M 21 -14.08 -11.93 23.81
N LEU M 22 -14.55 -11.58 25.01
CA LEU M 22 -13.68 -11.61 26.18
C LEU M 22 -13.59 -13.00 26.79
N GLN M 23 -14.67 -13.78 26.72
CA GLN M 23 -14.68 -15.13 27.28
C GLN M 23 -14.43 -15.09 28.78
N GLU N 1 -1.83 9.97 44.92
CA GLU N 1 -2.17 9.16 43.72
C GLU N 1 -2.13 10.01 42.45
N PRO N 2 -0.93 10.45 42.06
CA PRO N 2 -0.78 11.27 40.85
C PRO N 2 -0.83 10.45 39.57
N VAL N 3 -2.04 10.33 39.02
CA VAL N 3 -2.30 9.57 37.81
C VAL N 3 -3.19 10.41 36.90
N ALA N 4 -2.66 10.82 35.75
CA ALA N 4 -3.38 11.62 34.77
C ALA N 4 -3.58 10.80 33.52
N GLU N 5 -4.84 10.70 33.08
CA GLU N 5 -5.14 9.92 31.88
C GLU N 5 -4.50 10.57 30.66
N PRO N 6 -4.23 9.79 29.61
CA PRO N 6 -3.61 10.34 28.40
C PRO N 6 -4.66 11.01 27.52
N ASP N 7 -4.20 11.48 26.35
CA ASP N 7 -5.06 12.15 25.38
C ASP N 7 -4.83 11.50 24.02
N ILE N 8 -5.85 10.80 23.52
CA ILE N 8 -5.73 10.15 22.22
C ILE N 8 -5.64 11.19 21.13
N MET N 9 -4.77 10.94 20.15
CA MET N 9 -4.58 11.85 19.04
C MET N 9 -3.98 11.09 17.87
N ALA N 10 -4.16 11.63 16.67
CA ALA N 10 -3.64 11.01 15.45
C ALA N 10 -3.50 12.09 14.39
N THR N 11 -2.26 12.45 14.05
CA THR N 11 -2.03 13.48 13.06
C THR N 11 -2.33 12.93 11.66
N ASN N 12 -3.08 13.71 10.87
CA ASN N 12 -3.45 13.31 9.52
C ASN N 12 -3.33 14.53 8.60
N ARG N 13 -2.70 14.33 7.45
CA ARG N 13 -2.52 15.40 6.49
C ARG N 13 -2.38 14.79 5.09
N VAL N 14 -3.27 15.17 4.19
CA VAL N 14 -3.27 14.67 2.82
C VAL N 14 -3.50 15.84 1.89
N VAL N 15 -2.60 16.05 0.94
CA VAL N 15 -2.71 17.15 -0.02
C VAL N 15 -1.89 16.79 -1.25
N HIS N 16 -2.34 17.26 -2.41
CA HIS N 16 -1.66 17.00 -3.66
C HIS N 16 -1.83 18.21 -4.58
N VAL N 17 -1.02 18.23 -5.64
CA VAL N 17 -1.06 19.31 -6.61
C VAL N 17 -0.99 18.70 -8.00
N ILE N 18 -1.72 19.29 -8.95
CA ILE N 18 -1.75 18.82 -10.33
C ILE N 18 -2.01 20.02 -11.24
N THR N 19 -1.24 20.11 -12.31
CA THR N 19 -1.36 21.21 -13.28
C THR N 19 -1.14 20.61 -14.67
N ASN N 20 -2.24 20.24 -15.34
CA ASN N 20 -2.17 19.68 -16.68
C ASN N 20 -2.29 20.78 -17.71
N VAL N 21 -1.40 20.77 -18.70
CA VAL N 21 -1.40 21.76 -19.76
C VAL N 21 -1.01 21.07 -21.06
N LEU N 22 -1.70 21.43 -22.15
CA LEU N 22 -1.43 20.85 -23.46
C LEU N 22 -0.35 21.61 -24.23
N GLN N 23 -0.23 22.91 -24.01
CA GLN N 23 0.76 23.72 -24.70
C GLN N 23 0.55 23.68 -26.21
N GLU O 1 -8.45 6.24 43.88
CA GLU O 1 -8.21 5.13 44.84
C GLU O 1 -9.51 4.37 45.13
N PRO O 2 -10.03 3.68 44.12
CA PRO O 2 -11.28 2.92 44.31
C PRO O 2 -11.09 1.68 45.16
N VAL O 3 -11.32 1.81 46.47
CA VAL O 3 -11.17 0.72 47.42
C VAL O 3 -12.56 0.21 47.79
N ALA O 4 -12.74 -1.10 47.74
CA ALA O 4 -14.02 -1.74 48.06
C ALA O 4 -13.78 -3.24 48.10
N GLU O 5 -14.88 -4.01 48.12
CA GLU O 5 -14.77 -5.46 48.14
C GLU O 5 -14.10 -5.96 46.85
N PRO O 6 -13.60 -7.19 46.85
CA PRO O 6 -12.94 -7.71 45.65
C PRO O 6 -13.93 -8.01 44.53
N ASP O 7 -14.21 -7.01 43.71
CA ASP O 7 -15.14 -7.14 42.59
C ASP O 7 -14.37 -7.33 41.29
N ILE O 8 -14.99 -8.06 40.37
CA ILE O 8 -14.35 -8.32 39.08
C ILE O 8 -14.24 -7.01 38.32
N MET O 9 -13.05 -6.77 37.75
CA MET O 9 -12.79 -5.56 36.98
C MET O 9 -11.47 -5.71 36.26
N ALA O 10 -11.41 -5.18 35.04
CA ALA O 10 -10.19 -5.26 34.24
C ALA O 10 -10.29 -4.23 33.11
N THR O 11 -9.32 -3.32 33.05
CA THR O 11 -9.32 -2.29 32.02
C THR O 11 -8.92 -2.88 30.67
N ASN O 12 -9.58 -2.41 29.61
CA ASN O 12 -9.30 -2.89 28.26
C ASN O 12 -9.66 -1.76 27.30
N ARG O 13 -8.64 -1.10 26.77
CA ARG O 13 -8.81 0.01 25.83
C ARG O 13 -8.57 -0.52 24.41
N VAL O 14 -9.62 -0.55 23.60
CA VAL O 14 -9.55 -1.02 22.22
C VAL O 14 -9.81 0.16 21.30
N VAL O 15 -9.09 0.19 20.18
CA VAL O 15 -9.21 1.25 19.18
C VAL O 15 -9.28 0.61 17.80
N HIS O 16 -10.07 1.21 16.92
CA HIS O 16 -10.23 0.69 15.57
C HIS O 16 -10.45 1.85 14.61
N VAL O 17 -9.81 1.79 13.46
CA VAL O 17 -9.91 2.82 12.43
C VAL O 17 -10.44 2.17 11.16
N ILE O 18 -11.49 2.76 10.59
CA ILE O 18 -12.12 2.24 9.38
C ILE O 18 -12.35 3.40 8.43
N THR O 19 -12.16 3.15 7.13
CA THR O 19 -12.35 4.16 6.11
C THR O 19 -13.06 3.54 4.91
N ASN O 20 -13.85 4.34 4.23
CA ASN O 20 -14.61 3.91 3.05
C ASN O 20 -14.06 4.64 1.84
N VAL O 21 -13.30 3.93 1.00
CA VAL O 21 -12.73 4.53 -0.19
C VAL O 21 -13.82 4.77 -1.22
N LEU O 22 -13.68 5.86 -1.98
CA LEU O 22 -14.66 6.23 -3.00
C LEU O 22 -14.06 6.35 -4.39
N GLN O 23 -12.76 6.57 -4.52
CA GLN O 23 -12.12 6.70 -5.82
C GLN O 23 -12.71 7.87 -6.60
N GLU P 1 -20.98 10.18 -36.09
CA GLU P 1 -21.39 9.92 -37.49
C GLU P 1 -21.58 11.23 -38.26
N PRO P 2 -20.49 11.96 -38.48
CA PRO P 2 -20.58 13.24 -39.21
C PRO P 2 -20.89 13.00 -40.68
N VAL P 3 -22.01 13.55 -41.15
CA VAL P 3 -22.42 13.41 -42.53
C VAL P 3 -23.06 14.72 -43.00
N ALA P 4 -22.26 15.78 -43.06
CA ALA P 4 -22.73 17.09 -43.48
C ALA P 4 -21.58 17.80 -44.18
N GLU P 5 -21.68 19.12 -44.29
CA GLU P 5 -20.64 19.90 -44.94
C GLU P 5 -19.33 19.78 -44.17
N PRO P 6 -18.20 20.05 -44.82
CA PRO P 6 -16.92 19.93 -44.12
C PRO P 6 -16.76 21.02 -43.07
N ASP P 7 -16.18 20.64 -41.93
CA ASP P 7 -15.96 21.55 -40.83
C ASP P 7 -14.76 21.06 -40.03
N ILE P 8 -14.47 21.73 -38.91
CA ILE P 8 -13.36 21.39 -38.04
C ILE P 8 -13.89 20.59 -36.86
N MET P 9 -13.15 19.57 -36.47
CA MET P 9 -13.53 18.72 -35.35
C MET P 9 -12.27 18.09 -34.76
N ALA P 10 -12.46 17.30 -33.70
CA ALA P 10 -11.33 16.64 -33.04
C ALA P 10 -11.87 15.47 -32.23
N THR P 11 -10.99 14.52 -31.94
CA THR P 11 -11.33 13.33 -31.16
C THR P 11 -10.14 13.00 -30.28
N ASN P 12 -10.22 13.37 -29.00
CA ASN P 12 -9.15 13.13 -28.03
C ASN P 12 -9.80 12.76 -26.70
N ARG P 13 -9.82 11.48 -26.39
CA ARG P 13 -10.41 10.99 -25.15
C ARG P 13 -9.34 10.92 -24.07
N VAL P 14 -9.65 11.48 -22.90
CA VAL P 14 -8.74 11.50 -21.77
C VAL P 14 -9.50 11.10 -20.52
N VAL P 15 -8.85 10.36 -19.63
CA VAL P 15 -9.44 9.89 -18.38
C VAL P 15 -8.43 10.08 -17.26
N HIS P 16 -8.92 10.45 -16.09
CA HIS P 16 -8.06 10.67 -14.93
C HIS P 16 -8.83 10.30 -13.67
N VAL P 17 -8.10 9.80 -12.68
CA VAL P 17 -8.67 9.40 -11.39
C VAL P 17 -7.82 9.98 -10.28
N ILE P 18 -8.47 10.47 -9.24
CA ILE P 18 -7.78 11.07 -8.10
C ILE P 18 -8.62 10.84 -6.85
N THR P 19 -7.96 10.51 -5.75
CA THR P 19 -8.64 10.27 -4.50
C THR P 19 -7.67 10.53 -3.35
N ASN P 20 -8.24 10.82 -2.18
CA ASN P 20 -7.44 11.10 -0.97
C ASN P 20 -8.09 10.35 0.19
N VAL P 21 -7.49 9.24 0.59
CA VAL P 21 -8.00 8.44 1.69
C VAL P 21 -7.54 9.05 3.01
N LEU P 22 -8.45 9.07 3.99
CA LEU P 22 -8.15 9.63 5.30
C LEU P 22 -7.81 8.58 6.34
N GLN P 23 -8.25 7.34 6.14
CA GLN P 23 -7.97 6.25 7.09
C GLN P 23 -8.66 6.52 8.42
N GLU Q 1 3.20 -6.79 -44.14
CA GLU Q 1 4.37 -6.51 -43.27
C GLU Q 1 4.06 -6.87 -41.82
N PRO Q 2 3.89 -8.17 -41.55
CA PRO Q 2 3.60 -8.61 -40.18
C PRO Q 2 4.81 -8.50 -39.26
N VAL Q 3 4.76 -7.56 -38.32
CA VAL Q 3 5.85 -7.34 -37.38
C VAL Q 3 5.25 -7.11 -36.00
N ALA Q 4 5.81 -7.76 -34.98
CA ALA Q 4 5.32 -7.62 -33.61
C ALA Q 4 6.48 -7.91 -32.66
N GLU Q 5 6.76 -6.98 -31.77
CA GLU Q 5 7.84 -7.16 -30.81
C GLU Q 5 7.49 -8.29 -29.84
N PRO Q 6 8.52 -8.91 -29.23
CA PRO Q 6 8.25 -10.00 -28.28
C PRO Q 6 7.68 -9.51 -26.98
N ASP Q 7 7.38 -10.43 -26.06
CA ASP Q 7 6.81 -10.09 -24.77
C ASP Q 7 7.16 -11.18 -23.76
N ILE Q 8 7.25 -10.79 -22.49
CA ILE Q 8 7.57 -11.71 -21.41
C ILE Q 8 6.61 -11.43 -20.25
N MET Q 9 6.13 -12.50 -19.63
CA MET Q 9 5.21 -12.40 -18.50
C MET Q 9 5.98 -12.61 -17.20
N ALA Q 10 5.81 -11.68 -16.26
CA ALA Q 10 6.49 -11.75 -14.96
C ALA Q 10 5.47 -12.22 -13.92
N THR Q 11 5.22 -13.53 -13.93
CA THR Q 11 4.29 -14.14 -12.99
C THR Q 11 5.00 -14.43 -11.67
N ASN Q 12 4.31 -14.14 -10.56
CA ASN Q 12 4.86 -14.35 -9.24
C ASN Q 12 3.77 -14.85 -8.30
N ARG Q 13 4.18 -15.58 -7.27
CA ARG Q 13 3.24 -16.12 -6.29
C ARG Q 13 4.00 -16.39 -5.00
N VAL Q 14 3.54 -15.80 -3.91
CA VAL Q 14 4.16 -15.97 -2.60
C VAL Q 14 3.14 -16.58 -1.65
N VAL Q 15 3.60 -17.49 -0.80
CA VAL Q 15 2.74 -18.15 0.17
C VAL Q 15 3.61 -18.87 1.20
N HIS Q 16 3.23 -18.77 2.48
CA HIS Q 16 3.98 -19.41 3.55
C HIS Q 16 3.10 -19.49 4.78
N VAL Q 17 3.44 -20.43 5.65
CA VAL Q 17 2.70 -20.66 6.90
C VAL Q 17 3.72 -20.87 8.02
N ILE Q 18 3.45 -20.25 9.17
CA ILE Q 18 4.32 -20.35 10.34
C ILE Q 18 3.45 -20.63 11.56
N THR Q 19 3.85 -21.62 12.35
CA THR Q 19 3.11 -21.98 13.57
C THR Q 19 4.13 -22.46 14.60
N ASN Q 20 4.43 -21.60 15.57
CA ASN Q 20 5.39 -21.93 16.62
C ASN Q 20 4.72 -22.82 17.67
N VAL Q 21 5.30 -22.86 18.87
CA VAL Q 21 4.77 -23.69 19.95
C VAL Q 21 5.54 -23.39 21.23
N LEU Q 22 4.83 -23.35 22.36
CA LEU Q 22 5.45 -23.07 23.65
C LEU Q 22 5.97 -24.36 24.30
N GLN Q 23 5.09 -25.32 24.51
CA GLN Q 23 5.46 -26.59 25.13
C GLN Q 23 6.03 -26.36 26.53
N GLU R 1 16.63 -2.56 41.69
CA GLU R 1 17.20 -3.38 40.58
C GLU R 1 17.07 -2.65 39.25
N PRO R 2 17.81 -1.55 39.10
CA PRO R 2 17.75 -0.79 37.85
C PRO R 2 18.45 -1.51 36.70
N VAL R 3 17.69 -2.32 35.96
CA VAL R 3 18.21 -3.07 34.83
C VAL R 3 17.21 -2.99 33.69
N ALA R 4 17.73 -2.96 32.46
CA ALA R 4 16.92 -2.88 31.26
C ALA R 4 17.45 -3.90 30.26
N GLU R 5 16.58 -4.81 29.82
CA GLU R 5 16.98 -5.82 28.86
C GLU R 5 17.29 -5.19 27.51
N PRO R 6 18.10 -5.84 26.68
CA PRO R 6 18.43 -5.28 25.37
C PRO R 6 17.24 -5.37 24.42
N ASP R 7 17.40 -4.72 23.26
CA ASP R 7 16.37 -4.71 22.24
C ASP R 7 16.96 -4.21 20.95
N ILE R 8 16.64 -4.87 19.85
CA ILE R 8 17.13 -4.48 18.53
C ILE R 8 16.31 -3.32 18.00
N MET R 9 16.97 -2.40 17.32
CA MET R 9 16.33 -1.22 16.74
C MET R 9 16.42 -1.30 15.22
N ALA R 10 15.29 -1.05 14.56
CA ALA R 10 15.21 -1.08 13.11
C ALA R 10 15.27 0.35 12.57
N THR R 11 16.33 0.66 11.84
CA THR R 11 16.52 1.99 11.28
C THR R 11 17.30 1.87 9.98
N ASN R 12 16.78 2.46 8.90
CA ASN R 12 17.43 2.41 7.61
C ASN R 12 17.06 3.66 6.83
N ARG R 13 17.84 3.93 5.77
CA ARG R 13 17.61 5.09 4.93
C ARG R 13 18.16 4.77 3.54
N VAL R 14 17.27 4.56 2.58
CA VAL R 14 17.65 4.26 1.20
C VAL R 14 17.16 5.40 0.30
N VAL R 15 17.96 5.72 -0.71
CA VAL R 15 17.64 6.78 -1.65
C VAL R 15 18.25 6.43 -3.00
N HIS R 16 17.51 6.73 -4.06
CA HIS R 16 17.96 6.46 -5.42
C HIS R 16 17.34 7.49 -6.37
N VAL R 17 18.10 7.87 -7.39
CA VAL R 17 17.65 8.83 -8.38
C VAL R 17 18.10 8.34 -9.75
N ILE R 18 17.16 8.19 -10.67
CA ILE R 18 17.43 7.72 -12.03
C ILE R 18 16.90 8.77 -12.99
N THR R 19 17.71 9.11 -14.00
CA THR R 19 17.34 10.11 -15.00
C THR R 19 17.84 9.64 -16.36
N ASN R 20 16.94 9.49 -17.32
CA ASN R 20 17.32 9.06 -18.65
C ASN R 20 17.84 10.24 -19.46
N VAL R 21 18.78 9.94 -20.36
CA VAL R 21 19.39 10.95 -21.22
C VAL R 21 19.40 10.42 -22.65
N LEU R 22 19.07 11.28 -23.61
CA LEU R 22 19.04 10.93 -25.02
C LEU R 22 20.26 11.43 -25.77
N GLN R 23 20.54 12.73 -25.69
CA GLN R 23 21.70 13.31 -26.38
C GLN R 23 21.58 13.11 -27.88
N GLU S 1 9.98 -5.11 39.87
CA GLU S 1 10.89 -5.86 40.78
C GLU S 1 10.12 -6.91 41.57
N PRO S 2 9.60 -7.93 40.87
CA PRO S 2 8.85 -8.98 41.56
C PRO S 2 9.75 -9.90 42.37
N VAL S 3 10.05 -9.50 43.61
CA VAL S 3 10.90 -10.28 44.50
C VAL S 3 10.02 -11.17 45.36
N ALA S 4 10.43 -12.41 45.56
CA ALA S 4 9.70 -13.38 46.36
C ALA S 4 10.59 -14.60 46.54
N GLU S 5 9.99 -15.71 46.96
CA GLU S 5 10.76 -16.94 47.16
C GLU S 5 11.38 -17.38 45.84
N PRO S 6 12.48 -18.15 45.91
CA PRO S 6 13.13 -18.60 44.66
C PRO S 6 12.22 -19.51 43.84
N ASP S 7 11.50 -18.93 42.89
CA ASP S 7 10.60 -19.68 42.03
C ASP S 7 11.36 -20.14 40.79
N ILE S 8 10.66 -20.40 39.69
CA ILE S 8 11.28 -20.86 38.46
C ILE S 8 10.80 -19.99 37.30
N MET S 9 10.38 -18.77 37.60
CA MET S 9 9.90 -17.87 36.56
C MET S 9 11.02 -17.53 35.58
N ALA S 10 10.62 -17.11 34.38
CA ALA S 10 11.57 -16.76 33.34
C ALA S 10 10.83 -16.02 32.24
N THR S 11 11.54 -15.13 31.56
CA THR S 11 10.96 -14.34 30.47
C THR S 11 11.04 -15.12 29.17
N ASN S 12 10.02 -14.93 28.33
CA ASN S 12 9.91 -15.60 27.03
C ASN S 12 9.73 -14.56 25.93
N ARG S 13 10.60 -13.56 25.93
CA ARG S 13 10.53 -12.52 24.91
C ARG S 13 10.95 -13.07 23.56
N VAL S 14 10.10 -12.87 22.56
CA VAL S 14 10.36 -13.34 21.19
C VAL S 14 9.98 -12.23 20.24
N VAL S 15 10.74 -12.11 19.14
CA VAL S 15 10.52 -11.11 18.12
C VAL S 15 10.18 -11.81 16.81
N HIS S 16 9.30 -11.19 16.02
CA HIS S 16 8.89 -11.75 14.73
C HIS S 16 8.64 -10.61 13.78
N VAL S 17 9.50 -10.46 12.78
CA VAL S 17 9.40 -9.39 11.78
C VAL S 17 9.40 -10.08 10.42
N ILE S 18 8.21 -10.36 9.89
CA ILE S 18 8.06 -11.01 8.59
C ILE S 18 7.63 -9.95 7.58
N THR S 19 8.15 -10.07 6.35
CA THR S 19 7.84 -9.13 5.29
C THR S 19 7.82 -9.88 3.96
N ASN S 20 6.88 -9.50 3.10
CA ASN S 20 6.74 -10.12 1.79
C ASN S 20 7.59 -9.39 0.76
N VAL S 21 8.21 -10.16 -0.13
CA VAL S 21 9.07 -9.62 -1.17
C VAL S 21 8.72 -10.31 -2.48
N LEU S 22 8.62 -9.52 -3.56
CA LEU S 22 8.29 -10.03 -4.88
C LEU S 22 9.54 -10.19 -5.75
N GLN S 23 10.30 -9.13 -5.92
CA GLN S 23 11.52 -9.16 -6.72
C GLN S 23 11.22 -9.50 -8.18
N GLU T 1 -1.90 2.49 -42.07
CA GLU T 1 -0.49 2.03 -41.94
C GLU T 1 0.34 2.51 -43.13
N PRO T 2 1.66 2.64 -42.94
CA PRO T 2 2.51 3.11 -44.05
C PRO T 2 2.66 2.04 -45.11
N VAL T 3 2.46 2.44 -46.37
CA VAL T 3 2.58 1.54 -47.51
C VAL T 3 3.31 2.25 -48.63
N ALA T 4 4.27 3.10 -48.26
CA ALA T 4 5.05 3.87 -49.22
C ALA T 4 6.33 3.11 -49.57
N GLU T 5 7.34 3.82 -50.07
CA GLU T 5 8.60 3.19 -50.41
C GLU T 5 9.25 2.57 -49.17
N PRO T 6 10.12 1.57 -49.36
CA PRO T 6 10.76 0.94 -48.21
C PRO T 6 11.75 1.87 -47.50
N ASP T 7 11.27 2.58 -46.49
CA ASP T 7 12.09 3.51 -45.73
C ASP T 7 12.50 2.88 -44.40
N ILE T 8 13.44 3.54 -43.73
CA ILE T 8 13.92 3.05 -42.44
C ILE T 8 12.83 3.23 -41.39
N MET T 9 12.65 2.21 -40.54
CA MET T 9 11.65 2.25 -39.50
C MET T 9 11.81 1.01 -38.63
N ALA T 10 11.51 1.17 -37.34
CA ALA T 10 11.62 0.07 -36.39
C ALA T 10 10.95 0.49 -35.09
N THR T 11 10.30 -0.46 -34.44
CA THR T 11 9.63 -0.19 -33.18
C THR T 11 10.65 0.06 -32.07
N ASN T 12 10.31 0.96 -31.16
CA ASN T 12 11.17 1.33 -30.04
C ASN T 12 10.38 1.29 -28.74
N ARG T 13 9.67 0.19 -28.51
CA ARG T 13 8.87 0.03 -27.30
C ARG T 13 9.80 -0.20 -26.11
N VAL T 14 9.92 0.82 -25.26
CA VAL T 14 10.79 0.75 -24.08
C VAL T 14 9.95 0.29 -22.90
N VAL T 15 10.58 -0.47 -22.00
CA VAL T 15 9.94 -0.98 -20.80
C VAL T 15 10.94 -0.93 -19.65
N HIS T 16 10.45 -0.62 -18.46
CA HIS T 16 11.30 -0.52 -17.28
C HIS T 16 10.48 -0.90 -16.06
N VAL T 17 11.02 -1.81 -15.25
CA VAL T 17 10.36 -2.27 -14.03
C VAL T 17 11.44 -2.38 -12.95
N ILE T 18 11.36 -1.51 -11.94
CA ILE T 18 12.33 -1.49 -10.85
C ILE T 18 11.60 -1.12 -9.57
N THR T 19 12.03 -1.71 -8.45
CA THR T 19 11.44 -1.47 -7.15
C THR T 19 12.51 -0.98 -6.19
N ASN T 20 12.07 -0.24 -5.16
CA ASN T 20 12.97 0.30 -4.16
C ASN T 20 13.16 -0.74 -3.06
N VAL T 21 14.37 -1.27 -2.94
CA VAL T 21 14.68 -2.27 -1.92
C VAL T 21 15.07 -1.57 -0.63
N LEU T 22 14.75 -2.21 0.50
CA LEU T 22 15.05 -1.65 1.81
C LEU T 22 15.37 -2.76 2.80
N GLN T 23 14.52 -3.77 2.85
CA GLN T 23 14.71 -4.89 3.77
C GLN T 23 14.69 -4.42 5.22
#